data_7G94
#
_entry.id   7G94
#
_cell.length_a   71.024
_cell.length_b   71.024
_cell.length_c   195.957
_cell.angle_alpha   90.000
_cell.angle_beta   90.000
_cell.angle_gamma   90.000
#
_symmetry.space_group_name_H-M   'P 43 21 2'
#
loop_
_entity.id
_entity.type
_entity.pdbx_description
1 polymer 'Transforming protein RhoA'
2 polymer 'Rho guanine nucleotide exchange factor 2'
3 non-polymer (2P)-5-fluoro-2-(1H-pyrazol-5-yl)pyridine
4 non-polymer 'DIMETHYL SULFOXIDE'
5 non-polymer 'FORMIC ACID'
6 water water
#
loop_
_entity_poly.entity_id
_entity_poly.type
_entity_poly.pdbx_seq_one_letter_code
_entity_poly.pdbx_strand_id
1 'polypeptide(L)'
;SMAAIRKKLVIVGDGACGKTCLLIVFSKDQFPEVYVPTVFENYVADIEVDGKQVELALWDTAGQEDYDRLRPLSYPDTDV
ILMCFSIDSPDSLENIPEKWTPEVKHFCPNVPIILVGNKKDLRNDEHTRRELAKMKQEPVKPEEGRDMANRIGAFGYMEC
SAKTKDGVREVFEMATRAALQARRG
;
A
2 'polypeptide(L)'
;SMEMDEKDFAADSWSLAVDSSFLQQHKKEVMKQQDVIYELIQTELHHVRTLKIMTRLFRTGMLEELHLEPGVVQGLFPCV
DELSDIHTRFLSQLLERRRQALCPGSTRNFVIHRLGDLLISQFSGPSAEQMCKTYSEFCSRHSKALKLYKELYARDKRFQ
QFIRKVTRPAVLKRHGVQECILLVTQRITKYPLLISRILQHSHGIEEERQDLTTALGLVKELLSNVDEGIYQLEKGARLQ
EIYNR
;
B
#
# COMPACT_ATOMS: atom_id res chain seq x y z
N ALA A 4 -2.79 -15.25 -20.08
CA ALA A 4 -3.50 -14.27 -19.26
C ALA A 4 -3.01 -12.85 -19.56
N ILE A 5 -3.93 -11.89 -19.67
CA ILE A 5 -3.57 -10.51 -19.91
C ILE A 5 -3.51 -9.83 -18.54
N ARG A 6 -2.61 -8.87 -18.37
CA ARG A 6 -2.47 -8.17 -17.09
C ARG A 6 -3.32 -6.87 -17.08
N LYS A 7 -4.12 -6.68 -16.03
CA LYS A 7 -4.91 -5.46 -15.87
C LYS A 7 -4.65 -4.87 -14.48
N LYS A 8 -4.84 -3.56 -14.30
CA LYS A 8 -4.59 -2.92 -13.01
C LYS A 8 -5.86 -2.28 -12.48
N LEU A 9 -6.15 -2.55 -11.18
CA LEU A 9 -7.31 -2.02 -10.48
C LEU A 9 -6.81 -1.16 -9.32
N VAL A 10 -7.45 0.00 -9.12
CA VAL A 10 -7.14 0.88 -8.00
C VAL A 10 -8.45 1.20 -7.30
N ILE A 11 -8.48 1.14 -5.94
CA ILE A 11 -9.68 1.50 -5.22
CA ILE A 11 -9.68 1.50 -5.18
C ILE A 11 -9.47 2.86 -4.56
N VAL A 12 -10.48 3.73 -4.67
CA VAL A 12 -10.42 5.07 -4.10
CA VAL A 12 -10.48 5.11 -4.20
C VAL A 12 -11.68 5.29 -3.24
N GLY A 13 -11.62 6.31 -2.39
CA GLY A 13 -12.73 6.60 -1.49
C GLY A 13 -12.21 7.15 -0.16
N ASP A 14 -13.11 7.68 0.66
CA ASP A 14 -12.70 8.29 1.91
C ASP A 14 -12.07 7.26 2.85
N GLY A 15 -11.32 7.76 3.86
CA GLY A 15 -10.78 6.86 4.89
C GLY A 15 -11.95 6.23 5.62
N ALA A 16 -11.88 4.95 5.99
CA ALA A 16 -13.04 4.28 6.64
C ALA A 16 -14.24 4.00 5.69
N CYS A 17 -14.05 4.14 4.35
CA CYS A 17 -15.09 3.67 3.42
C CYS A 17 -15.03 2.09 3.33
N GLY A 18 -14.00 1.46 3.92
CA GLY A 18 -13.86 0.01 3.91
C GLY A 18 -13.08 -0.55 2.74
N LYS A 19 -12.37 0.32 1.97
CA LYS A 19 -11.62 -0.16 0.81
CA LYS A 19 -11.62 -0.16 0.81
C LYS A 19 -10.53 -1.16 1.17
N THR A 20 -9.80 -0.91 2.28
CA THR A 20 -8.73 -1.86 2.65
C THR A 20 -9.31 -3.23 2.99
N CYS A 21 -10.36 -3.25 3.79
CA CYS A 21 -11.03 -4.50 4.17
CA CYS A 21 -11.00 -4.52 4.17
C CYS A 21 -11.53 -5.27 2.96
N LEU A 22 -12.10 -4.55 1.99
CA LEU A 22 -12.61 -5.21 0.79
C LEU A 22 -11.46 -5.93 0.01
N LEU A 23 -10.30 -5.23 -0.17
CA LEU A 23 -9.16 -5.88 -0.85
C LEU A 23 -8.63 -7.09 -0.05
N ILE A 24 -8.58 -6.96 1.27
CA ILE A 24 -8.06 -8.06 2.11
C ILE A 24 -8.96 -9.29 2.00
N VAL A 25 -10.29 -9.09 2.12
CA VAL A 25 -11.22 -10.22 2.08
C VAL A 25 -11.20 -10.91 0.71
N PHE A 26 -11.14 -10.13 -0.37
CA PHE A 26 -11.12 -10.73 -1.70
C PHE A 26 -9.82 -11.52 -1.91
N SER A 27 -8.65 -10.93 -1.52
CA SER A 27 -7.39 -11.56 -1.80
C SER A 27 -7.05 -12.76 -0.93
N LYS A 28 -7.52 -12.77 0.32
CA LYS A 28 -7.16 -13.85 1.24
C LYS A 28 -7.85 -15.15 0.95
N ASP A 29 -7.10 -16.27 1.08
CA ASP A 29 -7.66 -17.60 0.81
C ASP A 29 -8.74 -17.95 1.85
N GLN A 30 -8.42 -17.73 3.14
CA GLN A 30 -9.42 -17.93 4.20
C GLN A 30 -9.74 -16.57 4.84
N PHE A 31 -10.99 -16.39 5.25
CA PHE A 31 -11.42 -15.14 5.88
C PHE A 31 -10.60 -14.82 7.14
N PRO A 32 -10.14 -13.57 7.36
CA PRO A 32 -9.34 -13.27 8.56
C PRO A 32 -10.14 -13.36 9.87
N GLU A 33 -10.13 -14.53 10.50
CA GLU A 33 -10.85 -14.74 11.75
C GLU A 33 -10.06 -14.39 12.99
N VAL A 34 -8.72 -14.23 12.88
CA VAL A 34 -7.89 -13.95 14.04
C VAL A 34 -7.40 -12.49 14.05
N TYR A 35 -6.99 -11.97 12.89
CA TYR A 35 -6.46 -10.60 12.85
C TYR A 35 -6.77 -9.97 11.53
N VAL A 36 -7.39 -8.79 11.55
CA VAL A 36 -7.69 -8.10 10.31
C VAL A 36 -6.55 -7.09 10.09
N PRO A 37 -5.75 -7.27 9.03
CA PRO A 37 -4.64 -6.33 8.79
C PRO A 37 -5.04 -4.86 8.73
N THR A 38 -4.12 -4.01 9.19
CA THR A 38 -4.32 -2.57 9.13
C THR A 38 -4.10 -2.05 7.70
N VAL A 39 -3.13 -2.67 6.97
CA VAL A 39 -2.80 -2.18 5.65
C VAL A 39 -2.81 -3.29 4.59
N PHE A 40 -2.82 -2.88 3.31
CA PHE A 40 -2.78 -3.82 2.20
C PHE A 40 -1.59 -3.37 1.31
N GLU A 41 -0.67 -4.29 0.95
CA GLU A 41 0.50 -3.91 0.15
C GLU A 41 0.08 -3.90 -1.34
N ASN A 42 -0.02 -5.09 -1.95
CA ASN A 42 -0.61 -5.27 -3.29
C ASN A 42 -0.95 -6.76 -3.43
N TYR A 43 -1.53 -7.13 -4.57
CA TYR A 43 -1.88 -8.52 -4.80
C TYR A 43 -2.12 -8.65 -6.30
N VAL A 44 -1.85 -9.82 -6.85
CA VAL A 44 -2.15 -10.05 -8.28
C VAL A 44 -3.08 -11.25 -8.30
N ALA A 45 -4.40 -11.01 -8.54
CA ALA A 45 -5.42 -12.07 -8.51
C ALA A 45 -5.51 -12.77 -9.84
N ASP A 46 -5.65 -14.11 -9.83
CA ASP A 46 -5.89 -14.87 -11.06
C ASP A 46 -7.40 -14.97 -11.16
N ILE A 47 -8.01 -14.34 -12.18
CA ILE A 47 -9.46 -14.32 -12.32
CA ILE A 47 -9.45 -14.39 -12.30
C ILE A 47 -9.85 -14.84 -13.69
N GLU A 48 -10.86 -15.71 -13.79
CA GLU A 48 -11.36 -16.15 -15.09
CA GLU A 48 -11.37 -16.15 -15.08
C GLU A 48 -12.79 -15.67 -15.15
N VAL A 49 -13.08 -14.74 -16.08
CA VAL A 49 -14.43 -14.19 -16.14
C VAL A 49 -14.95 -14.32 -17.57
N ASP A 50 -16.13 -14.93 -17.74
CA ASP A 50 -16.70 -15.11 -19.08
C ASP A 50 -15.71 -15.77 -20.07
N GLY A 51 -14.97 -16.77 -19.58
CA GLY A 51 -14.02 -17.53 -20.38
C GLY A 51 -12.67 -16.89 -20.60
N LYS A 52 -12.44 -15.67 -20.08
CA LYS A 52 -11.17 -14.97 -20.29
C LYS A 52 -10.32 -14.98 -19.03
N GLN A 53 -9.02 -15.32 -19.14
CA GLN A 53 -8.15 -15.35 -17.97
CA GLN A 53 -8.13 -15.36 -17.98
C GLN A 53 -7.37 -14.05 -17.84
N VAL A 54 -7.43 -13.43 -16.65
CA VAL A 54 -6.74 -12.16 -16.43
C VAL A 54 -5.91 -12.21 -15.15
N GLU A 55 -4.77 -11.51 -15.12
CA GLU A 55 -4.02 -11.32 -13.90
C GLU A 55 -4.42 -9.88 -13.50
N LEU A 56 -5.16 -9.74 -12.41
CA LEU A 56 -5.65 -8.43 -12.00
C LEU A 56 -4.84 -7.92 -10.81
N ALA A 57 -4.00 -6.91 -11.03
CA ALA A 57 -3.19 -6.34 -9.94
C ALA A 57 -4.07 -5.39 -9.15
N LEU A 58 -4.07 -5.53 -7.81
CA LEU A 58 -4.94 -4.75 -6.91
C LEU A 58 -4.16 -3.75 -6.09
N TRP A 59 -4.63 -2.48 -6.02
CA TRP A 59 -3.95 -1.44 -5.24
C TRP A 59 -4.94 -0.64 -4.42
N ASP A 60 -4.48 -0.19 -3.23
CA ASP A 60 -5.25 0.62 -2.29
C ASP A 60 -4.65 2.04 -2.27
N THR A 61 -5.48 3.05 -2.05
CA THR A 61 -5.03 4.44 -1.87
C THR A 61 -5.12 4.85 -0.37
N ALA A 62 -5.46 3.92 0.54
CA ALA A 62 -5.53 4.23 1.99
C ALA A 62 -4.19 4.80 2.46
N GLY A 63 -4.28 5.87 3.24
CA GLY A 63 -3.12 6.59 3.73
C GLY A 63 -2.74 7.77 2.85
N GLN A 64 -3.23 7.80 1.59
CA GLN A 64 -2.86 8.89 0.65
C GLN A 64 -3.92 10.00 0.55
N GLU A 65 -5.04 9.87 1.25
CA GLU A 65 -6.16 10.83 1.15
C GLU A 65 -5.77 12.29 1.47
N ASP A 66 -4.82 12.51 2.40
CA ASP A 66 -4.40 13.89 2.73
C ASP A 66 -3.23 14.43 1.89
N TYR A 67 -2.68 13.62 0.97
CA TYR A 67 -1.44 13.98 0.27
C TYR A 67 -1.68 14.08 -1.23
N ASP A 68 -2.05 15.28 -1.70
CA ASP A 68 -2.48 15.48 -3.09
C ASP A 68 -1.41 15.31 -4.18
N ARG A 69 -0.13 15.34 -3.81
CA ARG A 69 0.93 15.11 -4.79
C ARG A 69 1.42 13.65 -4.78
N LEU A 70 1.30 12.95 -3.61
CA LEU A 70 1.68 11.54 -3.58
C LEU A 70 0.56 10.67 -4.16
N ARG A 71 -0.71 10.97 -3.83
CA ARG A 71 -1.85 10.13 -4.21
C ARG A 71 -1.93 9.81 -5.71
N PRO A 72 -1.77 10.81 -6.59
CA PRO A 72 -1.89 10.54 -8.03
C PRO A 72 -0.86 9.56 -8.58
N LEU A 73 0.27 9.33 -7.85
CA LEU A 73 1.25 8.34 -8.32
C LEU A 73 0.67 6.92 -8.33
N SER A 74 -0.49 6.70 -7.65
CA SER A 74 -1.11 5.39 -7.67
C SER A 74 -1.88 5.17 -9.03
N TYR A 75 -2.19 6.26 -9.79
CA TYR A 75 -3.05 6.11 -10.97
C TYR A 75 -2.45 5.68 -12.33
N PRO A 76 -1.13 5.88 -12.65
CA PRO A 76 -0.67 5.48 -13.99
C PRO A 76 -1.08 4.08 -14.47
N ASP A 77 -1.59 4.02 -15.71
CA ASP A 77 -2.00 2.79 -16.37
C ASP A 77 -3.04 1.98 -15.64
N THR A 78 -3.92 2.66 -14.90
CA THR A 78 -5.04 1.95 -14.28
C THR A 78 -6.06 1.55 -15.39
N ASP A 79 -6.61 0.32 -15.32
CA ASP A 79 -7.59 -0.19 -16.26
C ASP A 79 -9.02 -0.13 -15.72
N VAL A 80 -9.18 -0.14 -14.39
CA VAL A 80 -10.51 -0.07 -13.78
C VAL A 80 -10.39 0.59 -12.40
N ILE A 81 -11.36 1.48 -12.06
CA ILE A 81 -11.39 2.14 -10.76
C ILE A 81 -12.57 1.60 -9.96
N LEU A 82 -12.36 1.18 -8.69
CA LEU A 82 -13.49 0.94 -7.80
C LEU A 82 -13.58 2.22 -6.96
N MET A 83 -14.71 2.90 -7.00
CA MET A 83 -14.88 4.11 -6.21
CA MET A 83 -14.92 4.13 -6.25
C MET A 83 -15.83 3.75 -5.09
N CYS A 84 -15.30 3.75 -3.87
CA CYS A 84 -16.02 3.25 -2.74
CA CYS A 84 -16.04 3.25 -2.71
C CYS A 84 -16.62 4.30 -1.79
N PHE A 85 -17.73 3.95 -1.16
CA PHE A 85 -18.34 4.72 -0.07
C PHE A 85 -18.90 3.68 0.89
N SER A 86 -19.13 4.09 2.14
CA SER A 86 -19.71 3.18 3.09
C SER A 86 -21.21 3.49 3.21
N ILE A 87 -22.05 2.45 3.20
CA ILE A 87 -23.50 2.59 3.34
C ILE A 87 -23.89 3.15 4.75
N ASP A 88 -23.03 2.95 5.75
CA ASP A 88 -23.28 3.54 7.09
C ASP A 88 -22.77 5.00 7.20
N SER A 89 -22.35 5.60 6.07
CA SER A 89 -21.82 6.95 6.08
C SER A 89 -22.33 7.76 4.90
N PRO A 90 -23.53 8.36 5.00
CA PRO A 90 -24.01 9.23 3.90
C PRO A 90 -23.01 10.36 3.56
N ASP A 91 -22.13 10.77 4.50
CA ASP A 91 -21.07 11.77 4.25
C ASP A 91 -20.02 11.23 3.24
N SER A 92 -19.67 9.94 3.30
CA SER A 92 -18.72 9.36 2.33
C SER A 92 -19.31 9.37 0.89
N LEU A 93 -20.65 9.32 0.77
CA LEU A 93 -21.30 9.36 -0.55
C LEU A 93 -21.29 10.80 -1.10
N GLU A 94 -21.48 11.79 -0.24
CA GLU A 94 -21.45 13.21 -0.64
C GLU A 94 -20.07 13.67 -1.22
N ASN A 95 -18.97 13.09 -0.74
CA ASN A 95 -17.64 13.41 -1.25
C ASN A 95 -17.32 12.75 -2.62
N ILE A 96 -18.17 11.83 -3.07
CA ILE A 96 -17.97 11.18 -4.36
C ILE A 96 -18.00 12.15 -5.55
N PRO A 97 -19.07 12.96 -5.78
CA PRO A 97 -19.15 13.71 -7.05
C PRO A 97 -18.23 14.90 -7.24
N GLU A 98 -17.92 15.63 -6.18
CA GLU A 98 -17.14 16.85 -6.36
C GLU A 98 -15.69 16.73 -5.84
N LYS A 99 -15.33 15.61 -5.18
CA LYS A 99 -13.96 15.39 -4.75
C LYS A 99 -13.31 14.23 -5.55
N TRP A 100 -13.78 12.99 -5.31
CA TRP A 100 -13.19 11.83 -5.97
C TRP A 100 -13.40 11.76 -7.47
N THR A 101 -14.63 12.08 -7.94
CA THR A 101 -14.92 11.94 -9.37
C THR A 101 -14.06 12.86 -10.26
N PRO A 102 -13.96 14.18 -10.00
CA PRO A 102 -13.13 15.02 -10.91
C PRO A 102 -11.65 14.63 -10.87
N GLU A 103 -11.16 14.13 -9.70
CA GLU A 103 -9.77 13.66 -9.64
C GLU A 103 -9.54 12.43 -10.55
N VAL A 104 -10.39 11.41 -10.42
CA VAL A 104 -10.21 10.19 -11.21
C VAL A 104 -10.41 10.48 -12.69
N LYS A 105 -11.37 11.35 -13.04
CA LYS A 105 -11.58 11.68 -14.46
C LYS A 105 -10.36 12.39 -15.06
N HIS A 106 -9.65 13.16 -14.25
CA HIS A 106 -8.48 13.91 -14.72
C HIS A 106 -7.30 12.98 -14.95
N PHE A 107 -6.95 12.15 -13.93
CA PHE A 107 -5.79 11.26 -14.05
C PHE A 107 -6.03 9.95 -14.82
N CYS A 108 -7.30 9.50 -14.90
CA CYS A 108 -7.66 8.21 -15.54
C CYS A 108 -8.75 8.45 -16.58
N PRO A 109 -8.50 9.28 -17.61
CA PRO A 109 -9.56 9.56 -18.58
C PRO A 109 -9.98 8.28 -19.31
N ASN A 110 -11.26 8.12 -19.50
CA ASN A 110 -11.80 6.98 -20.21
C ASN A 110 -11.66 5.65 -19.48
N VAL A 111 -11.26 5.66 -18.19
CA VAL A 111 -11.16 4.42 -17.44
C VAL A 111 -12.54 4.17 -16.79
N PRO A 112 -13.09 2.95 -16.88
CA PRO A 112 -14.39 2.69 -16.25
C PRO A 112 -14.34 2.81 -14.74
N ILE A 113 -15.34 3.43 -14.13
CA ILE A 113 -15.46 3.55 -12.68
C ILE A 113 -16.66 2.71 -12.26
N ILE A 114 -16.48 1.84 -11.27
CA ILE A 114 -17.61 1.13 -10.68
C ILE A 114 -17.81 1.75 -9.31
N LEU A 115 -19.01 2.30 -9.03
CA LEU A 115 -19.31 2.88 -7.72
C LEU A 115 -19.73 1.69 -6.85
N VAL A 116 -19.11 1.52 -5.69
CA VAL A 116 -19.38 0.38 -4.82
C VAL A 116 -19.81 0.85 -3.43
N GLY A 117 -20.98 0.41 -3.00
CA GLY A 117 -21.46 0.71 -1.66
C GLY A 117 -21.00 -0.43 -0.76
N ASN A 118 -20.05 -0.14 0.15
CA ASN A 118 -19.50 -1.10 1.09
CA ASN A 118 -19.55 -1.18 1.05
C ASN A 118 -20.33 -1.19 2.38
N LYS A 119 -20.09 -2.24 3.21
CA LYS A 119 -20.74 -2.39 4.51
C LYS A 119 -22.25 -2.45 4.39
N LYS A 120 -22.74 -3.15 3.35
CA LYS A 120 -24.20 -3.23 3.14
C LYS A 120 -24.94 -3.88 4.31
N ASP A 121 -24.23 -4.71 5.10
CA ASP A 121 -24.78 -5.39 6.28
C ASP A 121 -25.24 -4.37 7.36
N LEU A 122 -24.69 -3.15 7.35
CA LEU A 122 -25.05 -2.13 8.34
C LEU A 122 -26.37 -1.39 8.04
N ARG A 123 -26.94 -1.59 6.84
CA ARG A 123 -28.19 -0.95 6.44
C ARG A 123 -29.34 -1.34 7.39
N ASN A 124 -29.29 -2.55 7.97
CA ASN A 124 -30.31 -2.99 8.90
C ASN A 124 -29.76 -3.28 10.31
N ASP A 125 -28.66 -2.61 10.68
CA ASP A 125 -28.02 -2.74 11.99
C ASP A 125 -28.61 -1.68 12.91
N GLU A 126 -29.14 -2.08 14.09
CA GLU A 126 -29.81 -1.16 14.98
C GLU A 126 -28.89 -0.09 15.53
N HIS A 127 -27.68 -0.46 15.98
CA HIS A 127 -26.72 0.54 16.48
C HIS A 127 -26.42 1.61 15.41
N THR A 128 -26.21 1.18 14.15
CA THR A 128 -25.95 2.10 13.05
C THR A 128 -27.13 3.06 12.86
N ARG A 129 -28.36 2.53 12.77
CA ARG A 129 -29.53 3.38 12.57
C ARG A 129 -29.71 4.40 13.71
N ARG A 130 -29.40 4.01 14.94
CA ARG A 130 -29.51 4.91 16.09
C ARG A 130 -28.46 6.03 16.02
N GLU A 131 -27.18 5.68 15.78
CA GLU A 131 -26.13 6.70 15.69
C GLU A 131 -26.37 7.71 14.56
N LEU A 132 -26.86 7.25 13.40
CA LEU A 132 -27.15 8.15 12.28
C LEU A 132 -28.36 9.03 12.55
N ALA A 133 -29.40 8.48 13.23
CA ALA A 133 -30.61 9.23 13.59
C ALA A 133 -30.34 10.45 14.47
N LYS A 134 -29.24 10.44 15.23
CA LYS A 134 -28.82 11.57 16.08
C LYS A 134 -28.33 12.76 15.23
N MET A 135 -27.91 12.53 13.97
CA MET A 135 -27.46 13.59 13.07
C MET A 135 -28.44 13.83 11.93
N LYS A 136 -29.74 13.50 12.13
CA LYS A 136 -30.81 13.61 11.13
C LYS A 136 -30.44 12.82 9.88
N GLN A 137 -29.85 11.63 10.06
CA GLN A 137 -29.40 10.82 8.92
C GLN A 137 -29.92 9.36 8.96
N GLU A 138 -29.73 8.63 7.87
CA GLU A 138 -30.08 7.22 7.80
C GLU A 138 -29.10 6.50 6.85
N PRO A 139 -28.97 5.15 6.92
CA PRO A 139 -28.06 4.47 5.98
C PRO A 139 -28.41 4.80 4.53
N VAL A 140 -27.39 4.81 3.66
CA VAL A 140 -27.59 5.09 2.23
C VAL A 140 -28.57 4.07 1.65
N LYS A 141 -29.59 4.54 0.95
CA LYS A 141 -30.62 3.71 0.31
C LYS A 141 -30.10 3.21 -1.04
N PRO A 142 -30.51 2.01 -1.50
CA PRO A 142 -30.01 1.53 -2.81
C PRO A 142 -30.21 2.51 -3.96
N GLU A 143 -31.36 3.21 -4.00
CA GLU A 143 -31.63 4.19 -5.06
C GLU A 143 -30.73 5.39 -4.95
N GLU A 144 -30.25 5.75 -3.74
CA GLU A 144 -29.32 6.85 -3.60
C GLU A 144 -27.96 6.48 -4.21
N GLY A 145 -27.53 5.24 -4.00
CA GLY A 145 -26.27 4.78 -4.59
C GLY A 145 -26.38 4.70 -6.10
N ARG A 146 -27.49 4.12 -6.62
CA ARG A 146 -27.66 4.02 -8.08
C ARG A 146 -27.70 5.42 -8.73
N ASP A 147 -28.46 6.36 -8.12
CA ASP A 147 -28.55 7.71 -8.68
C ASP A 147 -27.20 8.40 -8.70
N MET A 148 -26.38 8.19 -7.66
CA MET A 148 -25.04 8.82 -7.64
C MET A 148 -24.19 8.21 -8.75
N ALA A 149 -24.25 6.87 -8.91
CA ALA A 149 -23.48 6.20 -9.95
C ALA A 149 -23.90 6.70 -11.35
N ASN A 150 -25.20 6.88 -11.55
CA ASN A 150 -25.74 7.39 -12.81
C ASN A 150 -25.21 8.83 -13.05
N ARG A 151 -25.30 9.68 -12.00
CA ARG A 151 -24.84 11.08 -12.09
C ARG A 151 -23.36 11.21 -12.46
N ILE A 152 -22.49 10.40 -11.85
CA ILE A 152 -21.06 10.53 -12.10
C ILE A 152 -20.57 9.84 -13.36
N GLY A 153 -21.45 9.22 -14.15
CA GLY A 153 -21.02 8.53 -15.36
C GLY A 153 -20.33 7.21 -15.07
N ALA A 154 -20.73 6.54 -13.96
CA ALA A 154 -20.09 5.26 -13.61
C ALA A 154 -20.51 4.18 -14.59
N PHE A 155 -19.62 3.23 -14.84
CA PHE A 155 -19.89 2.04 -15.65
C PHE A 155 -21.07 1.25 -15.01
N GLY A 156 -21.11 1.22 -13.68
CA GLY A 156 -22.18 0.55 -12.97
C GLY A 156 -22.12 0.78 -11.48
N TYR A 157 -23.15 0.29 -10.77
CA TYR A 157 -23.29 0.41 -9.31
C TYR A 157 -23.42 -1.01 -8.73
N MET A 158 -22.68 -1.26 -7.64
CA MET A 158 -22.71 -2.56 -6.98
C MET A 158 -22.61 -2.37 -5.47
N GLU A 159 -23.10 -3.34 -4.68
CA GLU A 159 -22.99 -3.27 -3.22
C GLU A 159 -22.34 -4.57 -2.71
N CYS A 160 -21.65 -4.47 -1.57
CA CYS A 160 -21.05 -5.66 -0.98
C CYS A 160 -20.88 -5.50 0.52
N SER A 161 -20.50 -6.60 1.18
CA SER A 161 -20.20 -6.59 2.61
C SER A 161 -18.88 -7.35 2.79
N ALA A 162 -17.78 -6.68 3.18
CA ALA A 162 -16.53 -7.40 3.46
C ALA A 162 -16.74 -8.35 4.67
N LYS A 163 -17.56 -7.96 5.65
CA LYS A 163 -17.82 -8.75 6.86
C LYS A 163 -18.42 -10.13 6.56
N THR A 164 -19.43 -10.19 5.67
CA THR A 164 -20.06 -11.47 5.33
C THR A 164 -19.55 -12.08 4.03
N LYS A 165 -18.73 -11.32 3.24
CA LYS A 165 -18.21 -11.67 1.90
C LYS A 165 -19.30 -11.55 0.79
N ASP A 166 -20.58 -11.28 1.16
CA ASP A 166 -21.63 -11.20 0.15
C ASP A 166 -21.37 -10.07 -0.85
N GLY A 167 -21.37 -10.43 -2.13
CA GLY A 167 -21.19 -9.47 -3.21
C GLY A 167 -19.75 -9.20 -3.56
N VAL A 168 -18.80 -9.67 -2.74
CA VAL A 168 -17.40 -9.36 -2.99
C VAL A 168 -16.86 -9.99 -4.28
N ARG A 169 -17.09 -11.31 -4.51
CA ARG A 169 -16.59 -11.95 -5.73
C ARG A 169 -17.17 -11.25 -6.98
N GLU A 170 -18.48 -10.94 -6.92
CA GLU A 170 -19.14 -10.32 -8.07
C GLU A 170 -18.54 -8.96 -8.45
N VAL A 171 -18.13 -8.16 -7.43
CA VAL A 171 -17.53 -6.85 -7.68
C VAL A 171 -16.23 -7.03 -8.49
N PHE A 172 -15.34 -7.96 -8.01
CA PHE A 172 -14.05 -8.14 -8.71
C PHE A 172 -14.19 -8.80 -10.09
N GLU A 173 -15.19 -9.71 -10.26
CA GLU A 173 -15.42 -10.30 -11.58
C GLU A 173 -15.93 -9.18 -12.52
N MET A 174 -16.85 -8.33 -12.05
CA MET A 174 -17.36 -7.25 -12.92
C MET A 174 -16.21 -6.24 -13.22
N ALA A 175 -15.37 -5.93 -12.21
CA ALA A 175 -14.23 -5.03 -12.46
C ALA A 175 -13.30 -5.58 -13.56
N THR A 176 -13.15 -6.92 -13.59
CA THR A 176 -12.29 -7.56 -14.59
C THR A 176 -12.94 -7.39 -15.97
N ARG A 177 -14.27 -7.62 -16.06
CA ARG A 177 -14.98 -7.42 -17.34
C ARG A 177 -14.84 -5.93 -17.79
N ALA A 178 -14.99 -4.96 -16.86
CA ALA A 178 -14.83 -3.53 -17.21
C ALA A 178 -13.45 -3.23 -17.72
N ALA A 179 -12.43 -3.78 -17.06
CA ALA A 179 -11.04 -3.59 -17.48
C ALA A 179 -10.76 -4.15 -18.88
N LEU A 180 -11.45 -5.24 -19.25
CA LEU A 180 -11.27 -5.86 -20.57
C LEU A 180 -11.92 -5.07 -21.72
N GLN A 181 -12.95 -4.27 -21.42
CA GLN A 181 -13.65 -3.51 -22.48
C GLN A 181 -12.81 -2.38 -23.10
N SER B 1 14.87 -11.56 1.62
CA SER B 1 14.88 -11.76 3.08
CA SER B 1 14.90 -11.76 3.08
C SER B 1 15.67 -13.02 3.46
N MET B 2 16.11 -13.11 4.73
CA MET B 2 16.81 -14.28 5.21
C MET B 2 15.85 -15.20 5.92
N GLU B 3 16.10 -16.51 5.86
CA GLU B 3 15.19 -17.51 6.37
C GLU B 3 14.80 -17.33 7.83
N MET B 4 15.76 -16.96 8.70
CA MET B 4 15.44 -16.77 10.12
CA MET B 4 15.52 -16.69 10.12
C MET B 4 14.34 -15.71 10.30
N ASP B 5 14.43 -14.58 9.62
CA ASP B 5 13.42 -13.52 9.75
C ASP B 5 12.12 -13.91 9.06
N GLU B 6 12.21 -14.60 7.92
CA GLU B 6 10.98 -15.02 7.20
C GLU B 6 10.16 -15.96 8.10
N LYS B 7 10.84 -16.90 8.78
CA LYS B 7 10.11 -17.83 9.64
C LYS B 7 9.52 -17.09 10.86
N ASP B 8 10.30 -16.15 11.42
CA ASP B 8 9.82 -15.38 12.59
C ASP B 8 8.58 -14.54 12.24
N PHE B 9 8.41 -14.17 10.95
CA PHE B 9 7.28 -13.36 10.52
C PHE B 9 6.37 -14.12 9.51
N ALA B 10 6.39 -15.46 9.54
CA ALA B 10 5.55 -16.24 8.61
C ALA B 10 4.07 -16.24 9.02
N ALA B 11 3.79 -16.20 10.34
CA ALA B 11 2.41 -16.29 10.82
C ALA B 11 1.60 -15.06 10.44
N ASP B 12 0.27 -15.19 10.39
CA ASP B 12 -0.58 -14.05 10.03
C ASP B 12 -0.70 -13.03 11.16
N SER B 13 -0.28 -13.35 12.38
CA SER B 13 -0.37 -12.40 13.46
C SER B 13 0.64 -12.75 14.56
N TRP B 14 0.83 -11.84 15.53
CA TRP B 14 1.66 -12.13 16.70
C TRP B 14 1.02 -13.26 17.50
N SER B 15 -0.34 -13.25 17.65
CA SER B 15 -1.01 -14.29 18.44
CA SER B 15 -1.07 -14.28 18.41
C SER B 15 -0.82 -15.69 17.86
N LEU B 16 -0.59 -15.80 16.54
CA LEU B 16 -0.31 -17.10 15.90
C LEU B 16 1.22 -17.38 15.83
N ALA B 17 2.05 -16.34 15.97
CA ALA B 17 3.53 -16.52 15.92
C ALA B 17 4.08 -17.08 17.25
N VAL B 18 3.56 -16.56 18.39
CA VAL B 18 4.04 -17.04 19.70
C VAL B 18 3.45 -18.42 20.06
N ASP B 19 4.05 -19.12 21.06
CA ASP B 19 3.46 -20.39 21.52
C ASP B 19 2.10 -20.08 22.18
N SER B 20 1.11 -20.98 22.02
CA SER B 20 -0.20 -20.75 22.66
C SER B 20 -0.10 -20.66 24.18
N SER B 21 0.81 -21.43 24.81
CA SER B 21 0.99 -21.33 26.27
C SER B 21 1.55 -19.97 26.71
N PHE B 22 2.24 -19.25 25.80
CA PHE B 22 2.73 -17.90 26.09
C PHE B 22 1.59 -16.88 25.87
N LEU B 23 0.83 -17.04 24.78
CA LEU B 23 -0.29 -16.13 24.44
C LEU B 23 -1.29 -16.06 25.61
N GLN B 24 -1.57 -17.24 26.19
CA GLN B 24 -2.51 -17.41 27.31
C GLN B 24 -2.15 -16.61 28.53
N GLN B 25 -0.87 -16.26 28.72
CA GLN B 25 -0.46 -15.49 29.90
C GLN B 25 -0.72 -13.99 29.79
N HIS B 26 -1.18 -13.50 28.62
CA HIS B 26 -1.35 -12.07 28.40
C HIS B 26 -2.78 -11.61 28.28
N LYS B 27 -3.02 -10.38 28.71
CA LYS B 27 -4.33 -9.76 28.58
C LYS B 27 -4.62 -9.47 27.09
N LYS B 28 -5.91 -9.45 26.73
CA LYS B 28 -6.34 -9.19 25.36
C LYS B 28 -5.78 -7.86 24.83
N GLU B 29 -5.70 -6.82 25.69
CA GLU B 29 -5.20 -5.52 25.22
C GLU B 29 -3.74 -5.62 24.75
N VAL B 30 -2.93 -6.41 25.49
CA VAL B 30 -1.53 -6.63 25.12
C VAL B 30 -1.45 -7.37 23.80
N MET B 31 -2.27 -8.40 23.64
CA MET B 31 -2.32 -9.15 22.38
C MET B 31 -2.65 -8.21 21.19
N LYS B 32 -3.66 -7.33 21.36
CA LYS B 32 -4.05 -6.42 20.27
C LYS B 32 -2.91 -5.49 19.92
N GLN B 33 -2.23 -4.95 20.94
CA GLN B 33 -1.09 -4.07 20.70
C GLN B 33 0.02 -4.85 19.93
N GLN B 34 0.37 -6.06 20.44
CA GLN B 34 1.46 -6.82 19.81
C GLN B 34 1.14 -7.25 18.39
N ASP B 35 -0.14 -7.53 18.08
CA ASP B 35 -0.49 -7.92 16.70
C ASP B 35 -0.18 -6.77 15.71
N VAL B 36 -0.44 -5.50 16.13
CA VAL B 36 -0.19 -4.39 15.20
C VAL B 36 1.32 -4.11 15.09
N ILE B 37 2.06 -4.20 16.24
CA ILE B 37 3.52 -4.02 16.16
C ILE B 37 4.12 -5.09 15.23
N TYR B 38 3.64 -6.32 15.37
CA TYR B 38 4.09 -7.42 14.49
C TYR B 38 3.82 -7.10 13.00
N GLU B 39 2.64 -6.54 12.69
CA GLU B 39 2.34 -6.17 11.29
C GLU B 39 3.29 -5.05 10.80
N LEU B 40 3.64 -4.07 11.68
CA LEU B 40 4.58 -3.00 11.27
C LEU B 40 5.93 -3.65 10.89
N ILE B 41 6.43 -4.55 11.75
CA ILE B 41 7.74 -5.17 11.46
C ILE B 41 7.67 -6.08 10.27
N GLN B 42 6.63 -6.91 10.19
CA GLN B 42 6.46 -7.85 9.05
C GLN B 42 6.42 -7.05 7.72
N THR B 43 5.61 -5.95 7.66
CA THR B 43 5.56 -5.17 6.40
C THR B 43 6.86 -4.41 6.14
N GLU B 44 7.61 -4.07 7.22
CA GLU B 44 8.92 -3.42 6.99
C GLU B 44 9.90 -4.47 6.39
N LEU B 45 9.87 -5.71 6.92
CA LEU B 45 10.72 -6.80 6.37
C LEU B 45 10.40 -6.99 4.85
N HIS B 46 9.09 -6.99 4.49
CA HIS B 46 8.68 -7.14 3.08
C HIS B 46 9.12 -5.93 2.21
N HIS B 47 9.08 -4.73 2.80
CA HIS B 47 9.49 -3.49 2.10
C HIS B 47 10.98 -3.52 1.80
N VAL B 48 11.80 -3.98 2.80
CA VAL B 48 13.25 -4.08 2.55
C VAL B 48 13.49 -5.14 1.45
N ARG B 49 12.72 -6.24 1.48
CA ARG B 49 12.81 -7.29 0.46
C ARG B 49 12.47 -6.72 -0.96
N THR B 50 11.45 -5.85 -1.06
CA THR B 50 11.13 -5.19 -2.35
C THR B 50 12.33 -4.36 -2.83
N LEU B 51 13.01 -3.67 -1.89
CA LEU B 51 14.18 -2.87 -2.28
C LEU B 51 15.34 -3.78 -2.74
N LYS B 52 15.51 -4.96 -2.12
CA LYS B 52 16.57 -5.90 -2.54
C LYS B 52 16.26 -6.50 -3.90
N ILE B 53 14.97 -6.71 -4.23
CA ILE B 53 14.62 -7.20 -5.59
C ILE B 53 15.02 -6.10 -6.60
N MET B 54 14.74 -4.83 -6.27
CA MET B 54 15.11 -3.73 -7.16
C MET B 54 16.61 -3.59 -7.34
N THR B 55 17.37 -3.64 -6.25
CA THR B 55 18.83 -3.44 -6.36
C THR B 55 19.55 -4.66 -6.93
N ARG B 56 19.26 -5.84 -6.36
CA ARG B 56 20.02 -7.04 -6.68
C ARG B 56 19.52 -7.82 -7.87
N LEU B 57 18.19 -7.96 -8.00
CA LEU B 57 17.68 -8.76 -9.12
C LEU B 57 17.61 -7.91 -10.38
N PHE B 58 16.92 -6.76 -10.32
CA PHE B 58 16.73 -5.96 -11.52
C PHE B 58 17.94 -5.08 -11.86
N ARG B 59 18.31 -4.16 -10.97
CA ARG B 59 19.38 -3.19 -11.28
C ARG B 59 20.71 -3.88 -11.65
N THR B 60 21.20 -4.73 -10.75
CA THR B 60 22.48 -5.38 -10.97
C THR B 60 22.40 -6.36 -12.14
N GLY B 61 21.27 -7.04 -12.31
CA GLY B 61 21.09 -7.93 -13.46
C GLY B 61 21.15 -7.19 -14.79
N MET B 62 20.56 -5.98 -14.86
CA MET B 62 20.61 -5.19 -16.10
C MET B 62 22.05 -4.74 -16.39
N LEU B 63 22.78 -4.33 -15.34
CA LEU B 63 24.17 -3.89 -15.51
C LEU B 63 25.06 -5.05 -15.95
N GLU B 64 24.84 -6.22 -15.39
CA GLU B 64 25.69 -7.38 -15.68
C GLU B 64 25.33 -8.18 -16.94
N GLU B 65 24.04 -8.18 -17.35
N GLU B 65 24.05 -8.49 -17.15
CA GLU B 65 23.60 -8.91 -18.56
CA GLU B 65 23.65 -9.36 -18.26
C GLU B 65 23.32 -8.03 -19.79
C GLU B 65 23.27 -8.62 -19.52
N LEU B 66 22.83 -6.79 -19.60
N LEU B 66 22.78 -7.39 -19.39
CA LEU B 66 22.42 -5.96 -20.74
CA LEU B 66 22.40 -6.58 -20.56
C LEU B 66 23.40 -4.85 -21.15
C LEU B 66 23.44 -5.52 -20.92
N HIS B 67 23.24 -4.33 -22.38
N HIS B 67 24.38 -5.21 -19.99
CA HIS B 67 24.09 -3.27 -22.91
CA HIS B 67 25.39 -4.18 -20.14
C HIS B 67 23.29 -1.96 -22.98
C HIS B 67 24.76 -2.84 -20.50
N LEU B 68 22.66 -1.56 -21.87
N LEU B 68 23.59 -2.54 -19.91
CA LEU B 68 21.87 -0.33 -21.83
CA LEU B 68 22.91 -1.26 -20.16
C LEU B 68 22.75 0.90 -21.85
C LEU B 68 23.74 -0.12 -19.58
N GLU B 69 22.28 1.98 -22.47
N GLU B 69 23.58 1.08 -20.16
CA GLU B 69 23.02 3.24 -22.53
CA GLU B 69 24.28 2.28 -19.71
C GLU B 69 23.27 3.78 -21.12
C GLU B 69 23.85 2.60 -18.27
N PRO B 70 24.46 4.36 -20.84
N PRO B 70 24.83 2.87 -17.39
CA PRO B 70 24.73 4.87 -19.49
CA PRO B 70 24.50 3.17 -15.99
C PRO B 70 23.69 5.87 -18.99
C PRO B 70 23.45 4.25 -15.79
N GLY B 71 23.25 5.70 -17.73
N GLY B 71 23.45 5.27 -16.66
CA GLY B 71 22.24 6.55 -17.12
CA GLY B 71 22.48 6.34 -16.57
C GLY B 71 20.82 6.01 -17.26
C GLY B 71 21.05 5.91 -16.87
N VAL B 72 20.63 4.93 -18.03
N VAL B 72 20.89 4.92 -17.78
CA VAL B 72 19.32 4.33 -18.21
CA VAL B 72 19.56 4.43 -18.12
C VAL B 72 18.92 3.53 -16.95
C VAL B 72 19.03 3.64 -16.92
N VAL B 73 19.85 2.72 -16.38
CA VAL B 73 19.51 1.93 -15.21
C VAL B 73 19.18 2.83 -13.98
N GLN B 74 19.92 3.96 -13.81
CA GLN B 74 19.67 4.92 -12.74
CA GLN B 74 19.68 4.91 -12.74
C GLN B 74 18.28 5.55 -12.88
N GLY B 75 17.85 5.78 -14.13
CA GLY B 75 16.54 6.35 -14.39
C GLY B 75 15.42 5.38 -14.05
N LEU B 76 15.67 4.06 -14.21
CA LEU B 76 14.65 3.04 -13.91
C LEU B 76 14.53 2.84 -12.38
N PHE B 77 15.66 2.94 -11.66
CA PHE B 77 15.72 2.68 -10.22
C PHE B 77 16.32 3.85 -9.44
N PRO B 78 15.64 5.02 -9.45
CA PRO B 78 16.20 6.18 -8.75
C PRO B 78 16.31 5.94 -7.25
N CYS B 79 17.42 6.36 -6.61
CA CYS B 79 17.60 6.38 -5.16
C CYS B 79 17.52 5.02 -4.48
N VAL B 80 17.54 3.91 -5.22
CA VAL B 80 17.34 2.59 -4.58
CA VAL B 80 17.33 2.61 -4.60
C VAL B 80 18.42 2.26 -3.55
N ASP B 81 19.68 2.68 -3.78
CA ASP B 81 20.72 2.36 -2.77
C ASP B 81 20.47 3.13 -1.46
N GLU B 82 20.06 4.40 -1.57
CA GLU B 82 19.80 5.24 -0.41
CA GLU B 82 19.81 5.22 -0.39
C GLU B 82 18.57 4.71 0.35
N LEU B 83 17.52 4.34 -0.40
CA LEU B 83 16.30 3.81 0.22
C LEU B 83 16.63 2.49 0.94
N SER B 84 17.46 1.65 0.31
CA SER B 84 17.84 0.37 0.94
C SER B 84 18.59 0.64 2.26
N ASP B 85 19.52 1.61 2.27
CA ASP B 85 20.28 1.91 3.49
C ASP B 85 19.33 2.41 4.61
N ILE B 86 18.43 3.34 4.28
CA ILE B 86 17.50 3.88 5.29
C ILE B 86 16.65 2.73 5.94
N HIS B 87 15.97 1.93 5.08
CA HIS B 87 15.05 0.92 5.59
C HIS B 87 15.75 -0.31 6.17
N THR B 88 16.94 -0.68 5.64
CA THR B 88 17.63 -1.85 6.22
C THR B 88 18.08 -1.49 7.68
N ARG B 89 18.55 -0.22 7.88
CA ARG B 89 18.95 0.19 9.22
C ARG B 89 17.72 0.24 10.14
N PHE B 90 16.58 0.79 9.66
CA PHE B 90 15.37 0.86 10.49
C PHE B 90 14.90 -0.57 10.83
N LEU B 91 14.88 -1.47 9.85
CA LEU B 91 14.47 -2.88 10.05
C LEU B 91 15.43 -3.52 11.09
N SER B 92 16.75 -3.24 10.98
CA SER B 92 17.71 -3.81 11.95
CA SER B 92 17.71 -3.79 11.94
C SER B 92 17.35 -3.40 13.36
N GLN B 93 16.95 -2.13 13.56
CA GLN B 93 16.57 -1.65 14.90
C GLN B 93 15.30 -2.33 15.39
N LEU B 94 14.29 -2.46 14.51
CA LEU B 94 13.04 -3.13 14.92
C LEU B 94 13.30 -4.61 15.32
N LEU B 95 14.10 -5.33 14.50
CA LEU B 95 14.37 -6.74 14.78
C LEU B 95 15.23 -6.91 16.03
N GLU B 96 16.12 -5.95 16.31
CA GLU B 96 16.95 -6.05 17.53
C GLU B 96 16.07 -5.81 18.79
N ARG B 97 15.06 -4.92 18.68
CA ARG B 97 14.14 -4.66 19.78
C ARG B 97 13.35 -5.96 20.11
N ARG B 98 12.86 -6.65 19.05
CA ARG B 98 12.17 -7.93 19.24
C ARG B 98 13.13 -8.96 19.84
N ARG B 99 14.34 -9.08 19.27
CA ARG B 99 15.30 -10.08 19.74
C ARG B 99 15.63 -9.90 21.24
N GLN B 100 15.92 -8.65 21.66
CA GLN B 100 16.20 -8.40 23.10
C GLN B 100 15.00 -8.75 23.97
N ALA B 101 13.76 -8.67 23.41
CA ALA B 101 12.55 -8.96 24.21
C ALA B 101 12.23 -10.47 24.32
N LEU B 102 12.95 -11.33 23.58
CA LEU B 102 12.66 -12.78 23.66
C LEU B 102 12.86 -13.35 25.05
N CYS B 103 12.02 -14.32 25.44
CA CYS B 103 12.23 -15.03 26.70
C CYS B 103 13.44 -15.93 26.53
N PRO B 104 14.24 -16.12 27.60
CA PRO B 104 15.32 -17.12 27.50
C PRO B 104 14.73 -18.51 27.18
N GLY B 105 15.38 -19.20 26.26
CA GLY B 105 14.93 -20.53 25.85
C GLY B 105 13.92 -20.48 24.71
N SER B 106 13.62 -19.27 24.21
CA SER B 106 12.65 -19.16 23.11
C SER B 106 13.20 -18.34 21.97
N THR B 107 12.84 -18.70 20.71
CA THR B 107 13.18 -17.84 19.57
C THR B 107 11.86 -17.19 19.03
N ARG B 108 10.71 -17.39 19.72
CA ARG B 108 9.45 -16.83 19.20
C ARG B 108 8.63 -16.01 20.18
N ASN B 109 8.81 -16.24 21.50
CA ASN B 109 7.98 -15.58 22.50
C ASN B 109 8.59 -14.29 23.01
N PHE B 110 7.91 -13.16 22.75
CA PHE B 110 8.37 -11.83 23.16
C PHE B 110 7.18 -10.87 23.25
N VAL B 111 7.38 -9.77 24.00
CA VAL B 111 6.44 -8.65 24.01
C VAL B 111 7.29 -7.37 23.87
N ILE B 112 6.97 -6.49 22.90
CA ILE B 112 7.68 -5.23 22.75
C ILE B 112 6.82 -4.17 23.48
N HIS B 113 7.34 -3.65 24.57
CA HIS B 113 6.63 -2.63 25.35
C HIS B 113 7.03 -1.21 25.00
N ARG B 114 8.22 -0.98 24.36
N ARG B 114 8.22 -1.05 24.46
CA ARG B 114 8.76 0.38 24.14
CA ARG B 114 8.76 0.21 24.09
C ARG B 114 9.07 0.85 22.70
C ARG B 114 9.05 0.16 22.61
N LEU B 115 8.17 0.63 21.80
N LEU B 115 8.24 0.85 21.86
CA LEU B 115 8.35 1.01 20.41
CA LEU B 115 8.38 1.03 20.42
C LEU B 115 8.41 2.53 20.11
C LEU B 115 8.42 2.54 20.11
N GLY B 116 7.67 3.33 20.86
CA GLY B 116 7.59 4.77 20.63
C GLY B 116 8.93 5.49 20.51
N ASP B 117 9.89 5.16 21.38
CA ASP B 117 11.19 5.83 21.35
CA ASP B 117 11.18 5.82 21.36
C ASP B 117 11.94 5.53 20.07
N LEU B 118 11.83 4.30 19.57
CA LEU B 118 12.49 3.88 18.33
C LEU B 118 11.87 4.68 17.15
N LEU B 119 10.55 4.77 17.14
CA LEU B 119 9.86 5.53 16.06
C LEU B 119 10.23 7.03 16.11
N ILE B 120 10.33 7.63 17.31
CA ILE B 120 10.73 9.05 17.41
C ILE B 120 12.14 9.22 16.84
N SER B 121 13.06 8.30 17.16
CA SER B 121 14.43 8.39 16.66
CA SER B 121 14.43 8.36 16.67
C SER B 121 14.43 8.28 15.12
N GLN B 122 13.71 7.30 14.56
CA GLN B 122 13.68 7.14 13.10
C GLN B 122 13.14 8.40 12.39
N PHE B 123 12.07 8.98 12.92
CA PHE B 123 11.36 10.09 12.26
C PHE B 123 11.74 11.48 12.80
N SER B 124 12.94 11.60 13.38
CA SER B 124 13.47 12.91 13.79
C SER B 124 14.99 13.02 13.47
N GLY B 125 15.54 14.24 13.48
CA GLY B 125 16.95 14.44 13.23
C GLY B 125 17.44 14.05 11.83
N PRO B 126 18.75 13.80 11.71
CA PRO B 126 19.33 13.47 10.39
C PRO B 126 18.64 12.32 9.65
N SER B 127 18.19 11.23 10.35
CA SER B 127 17.53 10.14 9.64
C SER B 127 16.22 10.63 9.00
N ALA B 128 15.49 11.55 9.69
CA ALA B 128 14.25 12.08 9.08
C ALA B 128 14.55 13.01 7.89
N GLU B 129 15.64 13.79 7.99
CA GLU B 129 16.04 14.68 6.89
C GLU B 129 16.42 13.83 5.68
N GLN B 130 17.14 12.72 5.92
CA GLN B 130 17.53 11.83 4.82
CA GLN B 130 17.55 11.80 4.86
C GLN B 130 16.30 11.18 4.19
N MET B 131 15.33 10.72 5.02
CA MET B 131 14.10 10.13 4.45
C MET B 131 13.35 11.18 3.63
N CYS B 132 13.25 12.41 4.16
CA CYS B 132 12.56 13.48 3.43
C CYS B 132 13.21 13.76 2.07
N LYS B 133 14.53 13.93 2.04
CA LYS B 133 15.22 14.24 0.79
C LYS B 133 15.14 13.09 -0.20
N THR B 134 15.28 11.84 0.32
CA THR B 134 15.27 10.68 -0.56
C THR B 134 13.88 10.40 -1.16
N TYR B 135 12.80 10.46 -0.36
CA TYR B 135 11.44 10.24 -0.94
C TYR B 135 11.02 11.40 -1.82
N SER B 136 11.51 12.65 -1.53
CA SER B 136 11.14 13.78 -2.41
C SER B 136 11.73 13.54 -3.82
N GLU B 137 12.99 13.05 -3.86
CA GLU B 137 13.67 12.75 -5.12
C GLU B 137 12.99 11.53 -5.79
N PHE B 138 12.81 10.43 -5.01
CA PHE B 138 12.21 9.20 -5.55
C PHE B 138 10.83 9.46 -6.17
N CYS B 139 9.93 10.03 -5.37
CA CYS B 139 8.57 10.26 -5.83
C CYS B 139 8.49 11.26 -6.97
N SER B 140 9.46 12.21 -7.04
CA SER B 140 9.47 13.13 -8.23
C SER B 140 9.97 12.42 -9.51
N ARG B 141 10.69 11.30 -9.35
CA ARG B 141 11.23 10.54 -10.48
C ARG B 141 10.43 9.29 -10.86
N HIS B 142 9.32 9.05 -10.13
CA HIS B 142 8.47 7.88 -10.25
C HIS B 142 7.86 7.77 -11.65
N SER B 143 7.15 8.79 -12.13
CA SER B 143 6.51 8.73 -13.45
CA SER B 143 6.51 8.76 -13.46
C SER B 143 7.54 8.51 -14.57
N LYS B 144 8.71 9.16 -14.47
CA LYS B 144 9.76 9.04 -15.48
C LYS B 144 10.31 7.60 -15.51
N ALA B 145 10.46 6.99 -14.31
CA ALA B 145 10.94 5.60 -14.27
C ALA B 145 9.95 4.66 -14.99
N LEU B 146 8.63 4.81 -14.75
CA LEU B 146 7.64 3.93 -15.37
C LEU B 146 7.65 4.11 -16.89
N LYS B 147 7.76 5.36 -17.37
CA LYS B 147 7.78 5.61 -18.83
C LYS B 147 9.03 5.03 -19.49
N LEU B 148 10.20 5.13 -18.83
CA LEU B 148 11.43 4.55 -19.35
C LEU B 148 11.31 3.05 -19.42
N TYR B 149 10.72 2.42 -18.39
CA TYR B 149 10.52 0.97 -18.39
C TYR B 149 9.66 0.56 -19.59
N LYS B 150 8.52 1.24 -19.77
CA LYS B 150 7.58 0.91 -20.85
C LYS B 150 8.23 1.06 -22.21
N GLU B 151 9.07 2.07 -22.40
CA GLU B 151 9.76 2.29 -23.66
CA GLU B 151 9.75 2.29 -23.67
C GLU B 151 10.74 1.14 -23.95
N LEU B 152 11.56 0.78 -22.96
CA LEU B 152 12.54 -0.29 -23.13
C LEU B 152 11.88 -1.65 -23.37
N TYR B 153 10.78 -1.96 -22.67
CA TYR B 153 10.10 -3.24 -22.83
C TYR B 153 9.51 -3.37 -24.25
N ALA B 154 9.02 -2.28 -24.81
CA ALA B 154 8.40 -2.30 -26.14
C ALA B 154 9.36 -2.31 -27.31
N ARG B 155 10.55 -1.75 -27.13
CA ARG B 155 11.50 -1.60 -28.22
CA ARG B 155 11.53 -1.55 -28.19
C ARG B 155 12.72 -2.50 -28.14
N ASP B 156 13.12 -2.95 -26.94
CA ASP B 156 14.31 -3.78 -26.79
C ASP B 156 14.05 -5.25 -26.49
N LYS B 157 14.36 -6.13 -27.47
CA LYS B 157 14.19 -7.57 -27.38
C LYS B 157 14.97 -8.19 -26.21
N ARG B 158 16.26 -7.84 -26.04
CA ARG B 158 17.05 -8.44 -24.95
C ARG B 158 16.49 -7.99 -23.58
N PHE B 159 16.03 -6.76 -23.47
CA PHE B 159 15.45 -6.23 -22.22
C PHE B 159 14.15 -7.00 -21.87
N GLN B 160 13.31 -7.23 -22.89
CA GLN B 160 12.07 -7.95 -22.71
C GLN B 160 12.35 -9.40 -22.27
N GLN B 161 13.34 -10.09 -22.89
CA GLN B 161 13.66 -11.46 -22.47
C GLN B 161 14.19 -11.47 -21.05
N PHE B 162 15.01 -10.46 -20.68
CA PHE B 162 15.56 -10.36 -19.32
C PHE B 162 14.41 -10.20 -18.30
N ILE B 163 13.47 -9.28 -18.56
CA ILE B 163 12.36 -9.06 -17.63
C ILE B 163 11.51 -10.33 -17.51
N ARG B 164 11.13 -10.93 -18.65
CA ARG B 164 10.31 -12.14 -18.63
C ARG B 164 11.03 -13.28 -17.87
N LYS B 165 12.35 -13.35 -17.98
CA LYS B 165 13.13 -14.39 -17.32
C LYS B 165 13.16 -14.23 -15.79
N VAL B 166 13.55 -13.04 -15.31
CA VAL B 166 13.71 -12.83 -13.88
C VAL B 166 12.40 -12.66 -13.13
N THR B 167 11.30 -12.32 -13.82
CA THR B 167 9.99 -12.23 -13.16
C THR B 167 9.11 -13.46 -13.37
N ARG B 168 9.62 -14.52 -14.01
CA ARG B 168 8.85 -15.75 -14.21
C ARG B 168 8.53 -16.51 -12.90
N PRO B 169 9.45 -16.61 -11.92
CA PRO B 169 9.13 -17.39 -10.70
C PRO B 169 7.87 -16.90 -9.99
N ALA B 170 7.09 -17.83 -9.43
CA ALA B 170 5.85 -17.47 -8.74
C ALA B 170 6.07 -16.49 -7.59
N VAL B 171 7.24 -16.57 -6.91
CA VAL B 171 7.52 -15.66 -5.78
C VAL B 171 7.67 -14.19 -6.24
N LEU B 172 7.84 -13.93 -7.56
CA LEU B 172 7.92 -12.56 -8.09
C LEU B 172 6.57 -12.06 -8.66
N LYS B 173 5.48 -12.79 -8.45
CA LYS B 173 4.21 -12.45 -9.07
C LYS B 173 3.75 -11.02 -8.84
N ARG B 174 3.96 -10.51 -7.62
CA ARG B 174 3.53 -9.13 -7.26
C ARG B 174 4.65 -8.09 -7.40
N HIS B 175 5.83 -8.49 -7.89
CA HIS B 175 7.02 -7.66 -7.84
C HIS B 175 7.71 -7.41 -9.19
N GLY B 176 6.92 -7.11 -10.22
CA GLY B 176 7.52 -6.60 -11.46
C GLY B 176 8.10 -5.20 -11.22
N VAL B 177 8.80 -4.63 -12.21
CA VAL B 177 9.45 -3.32 -12.05
C VAL B 177 8.48 -2.23 -11.63
N GLN B 178 7.37 -2.09 -12.36
CA GLN B 178 6.43 -1.00 -12.06
C GLN B 178 5.77 -1.22 -10.68
N GLU B 179 5.48 -2.50 -10.33
CA GLU B 179 4.87 -2.85 -9.06
C GLU B 179 5.84 -2.48 -7.90
N CYS B 180 7.16 -2.76 -8.08
CA CYS B 180 8.13 -2.39 -7.02
C CYS B 180 8.13 -0.86 -6.79
N ILE B 181 8.11 -0.08 -7.91
CA ILE B 181 8.18 1.38 -7.77
C ILE B 181 6.98 1.89 -6.98
N LEU B 182 5.75 1.41 -7.33
CA LEU B 182 4.57 1.90 -6.59
C LEU B 182 4.55 1.37 -5.14
N LEU B 183 5.04 0.12 -4.92
CA LEU B 183 5.13 -0.38 -3.51
C LEU B 183 6.00 0.53 -2.66
N VAL B 184 7.09 1.05 -3.26
CA VAL B 184 8.01 1.93 -2.48
C VAL B 184 7.35 3.27 -2.23
N THR B 185 6.76 3.90 -3.28
CA THR B 185 6.06 5.16 -3.10
C THR B 185 4.95 5.07 -2.04
N GLN B 186 4.21 3.94 -2.03
CA GLN B 186 3.12 3.80 -1.08
C GLN B 186 3.57 3.45 0.34
N ARG B 187 4.82 3.01 0.52
CA ARG B 187 5.26 2.58 1.86
C ARG B 187 5.11 3.70 2.92
N ILE B 188 5.57 4.91 2.56
CA ILE B 188 5.62 5.98 3.56
C ILE B 188 4.26 6.37 4.09
N THR B 189 3.19 6.27 3.25
CA THR B 189 1.84 6.63 3.75
C THR B 189 1.18 5.46 4.54
N LYS B 190 1.85 4.28 4.67
CA LYS B 190 1.29 3.23 5.53
C LYS B 190 1.62 3.54 7.01
N TYR B 191 2.74 4.24 7.26
CA TYR B 191 3.22 4.41 8.66
C TYR B 191 2.18 5.06 9.60
N PRO B 192 1.49 6.16 9.22
CA PRO B 192 0.52 6.74 10.17
C PRO B 192 -0.62 5.78 10.51
N LEU B 193 -1.06 4.96 9.54
CA LEU B 193 -2.15 4.02 9.77
CA LEU B 193 -2.16 4.02 9.81
C LEU B 193 -1.71 2.98 10.84
N LEU B 194 -0.49 2.43 10.67
CA LEU B 194 0.04 1.44 11.60
C LEU B 194 0.28 2.06 12.99
N ILE B 195 0.92 3.23 13.03
CA ILE B 195 1.22 3.88 14.33
C ILE B 195 -0.06 4.25 15.07
N SER B 196 -1.06 4.80 14.33
CA SER B 196 -2.32 5.16 14.98
CA SER B 196 -2.32 5.16 14.98
C SER B 196 -2.99 3.95 15.65
N ARG B 197 -2.96 2.79 14.98
CA ARG B 197 -3.61 1.61 15.53
C ARG B 197 -2.77 1.04 16.71
N ILE B 198 -1.42 1.15 16.64
CA ILE B 198 -0.59 0.71 17.80
C ILE B 198 -0.93 1.61 19.01
N LEU B 199 -1.02 2.91 18.76
CA LEU B 199 -1.29 3.90 19.81
C LEU B 199 -2.65 3.61 20.47
N GLN B 200 -3.65 3.22 19.68
CA GLN B 200 -4.97 2.91 20.21
C GLN B 200 -4.96 1.83 21.28
N HIS B 201 -3.95 0.93 21.24
CA HIS B 201 -3.81 -0.16 22.21
C HIS B 201 -2.58 0.04 23.13
N SER B 202 -2.09 1.30 23.27
CA SER B 202 -0.90 1.54 24.07
C SER B 202 -1.14 2.56 25.19
N HIS B 203 -2.36 2.62 25.71
CA HIS B 203 -2.68 3.57 26.78
C HIS B 203 -2.27 3.12 28.20
N GLY B 204 -1.93 1.84 28.36
CA GLY B 204 -1.57 1.28 29.67
C GLY B 204 -0.38 1.93 30.36
N ILE B 205 0.61 2.36 29.56
CA ILE B 205 1.78 3.07 30.09
CA ILE B 205 1.78 3.06 30.08
C ILE B 205 1.74 4.47 29.49
N GLU B 206 1.54 5.50 30.34
CA GLU B 206 1.42 6.87 29.82
C GLU B 206 2.63 7.35 29.04
N GLU B 207 3.86 6.98 29.47
CA GLU B 207 5.08 7.36 28.73
C GLU B 207 5.02 6.80 27.26
N GLU B 208 4.46 5.59 27.10
CA GLU B 208 4.41 4.97 25.76
C GLU B 208 3.35 5.63 24.91
N ARG B 209 2.19 5.93 25.52
CA ARG B 209 1.13 6.66 24.78
C ARG B 209 1.68 8.02 24.30
N GLN B 210 2.42 8.74 25.18
CA GLN B 210 2.99 10.03 24.78
C GLN B 210 4.04 9.86 23.67
N ASP B 211 4.92 8.85 23.79
CA ASP B 211 5.96 8.65 22.75
C ASP B 211 5.36 8.29 21.39
N LEU B 212 4.32 7.46 21.36
CA LEU B 212 3.70 7.08 20.09
C LEU B 212 2.93 8.30 19.51
N THR B 213 2.38 9.18 20.40
CA THR B 213 1.68 10.37 19.90
C THR B 213 2.72 11.32 19.26
N THR B 214 3.90 11.48 19.91
CA THR B 214 4.97 12.30 19.33
C THR B 214 5.42 11.68 17.96
N ALA B 215 5.58 10.34 17.93
CA ALA B 215 6.02 9.66 16.69
C ALA B 215 5.04 9.87 15.56
N LEU B 216 3.76 9.79 15.86
CA LEU B 216 2.71 9.95 14.83
C LEU B 216 2.78 11.36 14.24
N GLY B 217 2.97 12.36 15.11
CA GLY B 217 3.10 13.74 14.65
C GLY B 217 4.33 13.96 13.78
N LEU B 218 5.47 13.32 14.15
CA LEU B 218 6.69 13.44 13.35
C LEU B 218 6.52 12.81 11.95
N VAL B 219 5.87 11.61 11.89
CA VAL B 219 5.64 10.92 10.61
C VAL B 219 4.75 11.79 9.72
N LYS B 220 3.69 12.38 10.31
CA LYS B 220 2.80 13.26 9.50
C LYS B 220 3.52 14.51 9.00
N GLU B 221 4.44 15.08 9.81
CA GLU B 221 5.20 16.26 9.39
CA GLU B 221 5.20 16.26 9.37
C GLU B 221 6.12 15.86 8.21
N LEU B 222 6.76 14.67 8.31
CA LEU B 222 7.65 14.17 7.25
C LEU B 222 6.82 14.01 5.95
N LEU B 223 5.66 13.36 6.03
CA LEU B 223 4.82 13.14 4.84
C LEU B 223 4.37 14.45 4.21
N SER B 224 4.00 15.43 5.05
CA SER B 224 3.60 16.75 4.53
CA SER B 224 3.59 16.75 4.54
C SER B 224 4.75 17.40 3.76
N ASN B 225 5.99 17.30 4.30
CA ASN B 225 7.17 17.89 3.64
C ASN B 225 7.49 17.17 2.33
N VAL B 226 7.39 15.82 2.32
CA VAL B 226 7.65 15.06 1.10
C VAL B 226 6.61 15.48 0.02
N ASP B 227 5.31 15.48 0.40
CA ASP B 227 4.23 15.82 -0.52
C ASP B 227 4.44 17.25 -1.12
N GLU B 228 4.90 18.20 -0.29
CA GLU B 228 5.15 19.57 -0.77
C GLU B 228 6.42 19.68 -1.66
N GLY B 229 7.31 18.69 -1.60
CA GLY B 229 8.56 18.72 -2.34
C GLY B 229 8.56 17.94 -3.63
N ILE B 230 7.38 17.44 -4.07
CA ILE B 230 7.29 16.65 -5.28
C ILE B 230 6.89 17.48 -6.48
N TYR B 231 7.58 17.29 -7.60
CA TYR B 231 7.21 17.85 -8.90
C TYR B 231 7.70 16.81 -9.89
N GLN B 232 6.78 16.17 -10.64
CA GLN B 232 7.17 15.10 -11.54
C GLN B 232 8.10 15.52 -12.66
N LEU B 233 9.22 14.84 -12.75
CA LEU B 233 10.15 15.07 -13.85
C LEU B 233 9.59 14.34 -15.11
N GLU B 234 9.83 14.93 -16.27
CA GLU B 234 9.40 14.29 -17.51
C GLU B 234 10.59 14.32 -18.44
N LYS B 235 10.95 13.17 -19.05
CA LYS B 235 12.08 13.16 -19.98
C LYS B 235 11.78 14.07 -21.18
N GLY B 236 12.74 14.91 -21.52
CA GLY B 236 12.58 15.84 -22.63
C GLY B 236 11.65 17.01 -22.34
N ALA B 237 11.37 17.29 -21.04
CA ALA B 237 10.51 18.43 -20.71
C ALA B 237 11.30 19.70 -21.00
N ARG B 238 10.64 20.71 -21.56
CA ARG B 238 11.33 21.96 -21.89
C ARG B 238 11.23 22.94 -20.73
N LEU B 239 12.19 23.85 -20.63
CA LEU B 239 12.23 24.86 -19.57
CA LEU B 239 12.21 24.84 -19.56
C LEU B 239 10.92 25.67 -19.53
N GLN B 240 10.41 26.07 -20.72
CA GLN B 240 9.16 26.84 -20.79
C GLN B 240 8.00 26.10 -20.11
N GLU B 241 7.91 24.78 -20.31
CA GLU B 241 6.85 23.97 -19.67
C GLU B 241 7.02 23.97 -18.14
N ILE B 242 8.27 23.97 -17.66
CA ILE B 242 8.53 23.96 -16.22
C ILE B 242 8.22 25.30 -15.57
N TYR B 243 8.77 26.42 -16.09
CA TYR B 243 8.51 27.71 -15.45
C TYR B 243 7.08 28.22 -15.64
N ASN B 244 6.28 27.62 -16.53
CA ASN B 244 4.89 28.05 -16.70
C ASN B 244 4.00 27.21 -15.78
#